data_7F2V
#
_entry.id   7F2V
#
_cell.length_a   137.466
_cell.length_b   78.051
_cell.length_c   65.720
_cell.angle_alpha   90.000
_cell.angle_beta   116.350
_cell.angle_gamma   90.000
#
_symmetry.space_group_name_H-M   'C 1 2 1'
#
loop_
_entity.id
_entity.type
_entity.pdbx_description
1 polymer Uricase
2 non-polymer 'SULFATE ION'
3 non-polymer 'DIMETHYL SULFOXIDE'
4 water water
#
_entity_poly.entity_id   1
_entity_poly.type   'polypeptide(L)'
_entity_poly.pdbx_seq_one_letter_code
;GSHMAIVLGRNQYGKAEVRVFRVYRDTPRHEVRDLNVWTALRGDFTDAHVTGDQSHVLPTDTQKNTVYALAKKEGIRAIE
DFALTLGDHFLRQVPAATGARIAIEEYAWDRIDVDGTGHDHGFVRRGQGTRTTVVTVEGRGDERRAWVLSGISDLIIAKT
TGSEFHGFLKDEYTTLEETHDRILATSLHTRWRYLTTDVDWDKTFASVRSILLRQFATVHSLALQQTLYAMGSAVLEAHP
EIAEIRLSAPNKHHFLVDLQPFGLDNPGEVFYASDRPYGLIEASVVRDDVPEAPEAWLATPGFC
;
_entity_poly.pdbx_strand_id   A,B
#
loop_
_chem_comp.id
_chem_comp.type
_chem_comp.name
_chem_comp.formula
DMS non-polymer 'DIMETHYL SULFOXIDE' 'C2 H6 O S'
SO4 non-polymer 'SULFATE ION' 'O4 S -2'
#
# COMPACT_ATOMS: atom_id res chain seq x y z
N ALA A 5 45.47 -17.87 5.97
CA ALA A 5 44.99 -17.20 4.77
C ALA A 5 43.53 -16.76 4.94
N ILE A 6 42.81 -17.44 5.81
CA ILE A 6 41.39 -17.16 6.00
C ILE A 6 41.23 -16.13 7.10
N VAL A 7 40.53 -15.03 6.79
CA VAL A 7 40.34 -13.93 7.75
C VAL A 7 38.92 -13.40 7.65
N LEU A 8 38.53 -12.65 8.68
CA LEU A 8 37.29 -11.90 8.62
C LEU A 8 37.45 -10.70 7.69
N GLY A 9 36.47 -10.50 6.82
CA GLY A 9 36.46 -9.36 5.93
C GLY A 9 35.52 -8.28 6.41
N ARG A 10 34.83 -7.65 5.45
CA ARG A 10 33.86 -6.61 5.78
C ARG A 10 32.77 -7.20 6.68
N ASN A 11 32.28 -6.38 7.60
CA ASN A 11 31.21 -6.84 8.48
C ASN A 11 30.49 -5.63 9.06
N GLN A 12 29.22 -5.83 9.42
CA GLN A 12 28.45 -4.79 10.09
C GLN A 12 27.33 -5.46 10.86
N TYR A 13 26.80 -4.76 11.86
CA TYR A 13 25.74 -5.38 12.65
C TYR A 13 24.90 -4.29 13.31
N GLY A 14 23.64 -4.63 13.59
CA GLY A 14 22.79 -3.69 14.31
C GLY A 14 21.37 -4.21 14.39
N LYS A 15 20.45 -3.31 14.72
CA LYS A 15 19.04 -3.70 14.84
C LYS A 15 18.28 -3.25 13.61
N ALA A 16 17.58 -4.19 12.98
CA ALA A 16 16.82 -3.91 11.78
C ALA A 16 15.33 -3.77 12.08
N GLU A 17 14.68 -2.80 11.43
CA GLU A 17 13.24 -2.64 11.42
C GLU A 17 12.68 -2.35 12.81
N VAL A 18 13.20 -1.28 13.41
CA VAL A 18 12.66 -0.73 14.65
C VAL A 18 11.51 0.20 14.28
N ARG A 19 10.28 -0.20 14.60
CA ARG A 19 9.08 0.56 14.24
C ARG A 19 8.76 1.51 15.38
N VAL A 20 9.05 2.80 15.17
CA VAL A 20 8.83 3.82 16.18
C VAL A 20 7.78 4.78 15.66
N PHE A 21 6.80 5.09 16.50
CA PHE A 21 5.68 5.96 16.20
C PHE A 21 5.76 7.09 17.22
N ARG A 22 6.06 8.30 16.76
CA ARG A 22 6.21 9.46 17.63
C ARG A 22 5.02 10.40 17.46
N VAL A 23 4.43 10.81 18.58
CA VAL A 23 3.30 11.73 18.58
C VAL A 23 3.77 13.05 19.15
N TYR A 24 3.48 14.14 18.43
CA TYR A 24 3.67 15.49 18.94
C TYR A 24 2.30 16.00 19.38
N ARG A 25 2.16 16.28 20.68
CA ARG A 25 0.85 16.56 21.27
C ARG A 25 0.92 17.72 22.24
N ASP A 26 1.79 18.70 21.98
CA ASP A 26 1.83 19.85 22.86
C ASP A 26 0.57 20.70 22.77
N THR A 27 -0.16 20.62 21.67
CA THR A 27 -1.47 21.22 21.51
C THR A 27 -2.45 20.14 21.09
N PRO A 28 -3.75 20.43 21.09
CA PRO A 28 -4.73 19.38 20.69
C PRO A 28 -4.58 18.91 19.25
N ARG A 29 -3.90 19.67 18.40
CA ARG A 29 -3.68 19.27 17.01
C ARG A 29 -2.43 18.40 16.99
N HIS A 30 -2.64 17.08 17.08
CA HIS A 30 -1.54 16.14 17.12
C HIS A 30 -0.88 16.02 15.75
N GLU A 31 0.43 15.72 15.76
CA GLU A 31 1.19 15.37 14.59
C GLU A 31 1.85 14.01 14.81
N VAL A 32 2.10 13.29 13.73
CA VAL A 32 2.60 11.92 13.82
C VAL A 32 3.88 11.78 13.00
N ARG A 33 4.78 10.93 13.49
CA ARG A 33 5.97 10.49 12.77
C ARG A 33 6.03 8.97 12.87
N ASP A 34 5.84 8.29 11.74
CA ASP A 34 5.71 6.82 11.70
C ASP A 34 6.91 6.27 10.94
N LEU A 35 7.86 5.67 11.66
CA LEU A 35 9.17 5.36 11.12
C LEU A 35 9.50 3.87 11.23
N ASN A 36 10.30 3.40 10.29
CA ASN A 36 10.98 2.11 10.39
C ASN A 36 12.48 2.37 10.28
N VAL A 37 13.24 1.92 11.28
CA VAL A 37 14.62 2.33 11.44
C VAL A 37 15.54 1.11 11.43
N TRP A 38 16.65 1.22 10.71
CA TRP A 38 17.72 0.22 10.75
C TRP A 38 18.98 0.90 11.27
N THR A 39 19.71 0.23 12.16
CA THR A 39 21.04 0.66 12.56
C THR A 39 22.07 -0.40 12.16
N ALA A 40 23.25 0.05 11.75
CA ALA A 40 24.35 -0.88 11.50
C ALA A 40 25.65 -0.19 11.84
N LEU A 41 26.43 -0.82 12.70
CA LEU A 41 27.73 -0.28 13.10
C LEU A 41 28.82 -1.04 12.36
N ARG A 42 29.89 -0.32 12.02
CA ARG A 42 31.12 -0.89 11.48
C ARG A 42 32.28 -0.48 12.37
N GLY A 43 33.33 -1.29 12.41
CA GLY A 43 34.44 -0.97 13.29
C GLY A 43 35.27 -2.22 13.61
N ASP A 44 35.96 -2.16 14.74
CA ASP A 44 36.82 -3.26 15.15
C ASP A 44 35.99 -4.24 15.95
N PHE A 45 35.33 -5.14 15.23
CA PHE A 45 34.51 -6.20 15.83
C PHE A 45 35.08 -7.58 15.52
N THR A 46 36.39 -7.62 15.25
CA THR A 46 37.02 -8.86 14.77
C THR A 46 36.97 -9.94 15.84
N ASP A 47 37.44 -9.65 17.04
CA ASP A 47 37.45 -10.68 18.08
C ASP A 47 36.04 -11.19 18.37
N ALA A 48 35.02 -10.33 18.26
CA ALA A 48 33.66 -10.77 18.49
C ALA A 48 33.27 -11.89 17.54
N HIS A 49 33.84 -11.87 16.33
CA HIS A 49 33.63 -12.94 15.34
C HIS A 49 34.59 -14.12 15.56
N VAL A 50 35.88 -13.83 15.76
CA VAL A 50 36.89 -14.88 15.67
C VAL A 50 37.06 -15.62 16.99
N THR A 51 37.07 -14.89 18.11
CA THR A 51 37.25 -15.53 19.42
C THR A 51 35.98 -15.63 20.24
N GLY A 52 34.94 -14.88 19.91
CA GLY A 52 33.74 -14.84 20.71
C GLY A 52 33.73 -13.81 21.84
N ASP A 53 34.79 -13.01 21.98
CA ASP A 53 34.86 -11.97 22.99
C ASP A 53 34.02 -10.79 22.55
N GLN A 54 32.95 -10.47 23.31
CA GLN A 54 31.98 -9.46 22.94
C GLN A 54 32.25 -8.09 23.55
N SER A 55 33.46 -7.88 24.11
CA SER A 55 33.73 -6.65 24.86
C SER A 55 33.46 -5.39 24.06
N HIS A 56 33.74 -5.42 22.75
CA HIS A 56 33.56 -4.25 21.89
C HIS A 56 32.12 -4.03 21.46
N VAL A 57 31.22 -4.98 21.72
CA VAL A 57 29.94 -5.06 21.03
C VAL A 57 28.84 -4.41 21.87
N LEU A 58 28.21 -3.37 21.34
CA LEU A 58 26.99 -2.84 21.93
C LEU A 58 25.80 -3.67 21.46
N PRO A 59 25.01 -4.26 22.36
CA PRO A 59 23.89 -5.10 21.92
C PRO A 59 22.99 -4.37 20.93
N THR A 60 22.50 -5.12 19.93
CA THR A 60 21.47 -4.56 19.05
C THR A 60 20.23 -4.18 19.84
N ASP A 61 19.93 -4.91 20.93
CA ASP A 61 18.81 -4.51 21.80
C ASP A 61 19.00 -3.09 22.33
N THR A 62 20.25 -2.72 22.62
CA THR A 62 20.54 -1.37 23.10
C THR A 62 20.38 -0.35 21.98
N GLN A 63 20.78 -0.74 20.77
CA GLN A 63 20.57 0.13 19.63
C GLN A 63 19.08 0.40 19.42
N LYS A 64 18.25 -0.62 19.62
CA LYS A 64 16.81 -0.41 19.55
C LYS A 64 16.36 0.57 20.62
N ASN A 65 16.77 0.34 21.87
CA ASN A 65 16.44 1.26 22.97
C ASN A 65 16.83 2.69 22.65
N THR A 66 17.98 2.86 21.99
CA THR A 66 18.47 4.19 21.69
C THR A 66 17.54 4.92 20.73
N VAL A 67 16.98 4.19 19.76
CA VAL A 67 16.01 4.79 18.85
C VAL A 67 14.84 5.37 19.64
N TYR A 68 14.31 4.61 20.59
CA TYR A 68 13.15 5.08 21.34
C TYR A 68 13.54 6.22 22.28
N ALA A 69 14.69 6.09 22.95
CA ALA A 69 15.14 7.14 23.86
C ALA A 69 15.33 8.46 23.14
N LEU A 70 16.07 8.44 22.01
CA LEU A 70 16.34 9.68 21.29
C LEU A 70 15.11 10.21 20.56
N ALA A 71 14.11 9.35 20.25
CA ALA A 71 12.85 9.87 19.73
C ALA A 71 12.21 10.84 20.71
N LYS A 72 12.46 10.66 22.01
CA LYS A 72 11.98 11.61 23.01
C LYS A 72 13.00 12.69 23.29
N LYS A 73 14.26 12.31 23.55
CA LYS A 73 15.24 13.29 24.00
C LYS A 73 15.56 14.31 22.90
N GLU A 74 15.71 13.85 21.65
CA GLU A 74 16.03 14.71 20.52
C GLU A 74 14.81 15.05 19.66
N GLY A 75 13.76 14.25 19.71
CA GLY A 75 12.62 14.43 18.84
C GLY A 75 12.88 13.86 17.45
N ILE A 76 11.80 13.81 16.66
CA ILE A 76 11.87 13.34 15.27
C ILE A 76 11.17 14.39 14.42
N ARG A 77 11.94 15.21 13.73
CA ARG A 77 11.40 16.06 12.68
C ARG A 77 11.79 15.45 11.33
N ALA A 78 12.78 16.02 10.64
CA ALA A 78 13.24 15.40 9.41
C ALA A 78 13.99 14.11 9.74
N ILE A 79 13.69 13.05 8.99
CA ILE A 79 14.33 11.77 9.29
C ILE A 79 15.82 11.85 9.02
N GLU A 80 16.26 12.70 8.08
CA GLU A 80 17.69 12.88 7.86
C GLU A 80 18.40 13.33 9.14
N ASP A 81 17.78 14.25 9.88
CA ASP A 81 18.40 14.77 11.09
C ASP A 81 18.38 13.74 12.22
N PHE A 82 17.29 12.97 12.31
CA PHE A 82 17.25 11.90 13.30
C PHE A 82 18.31 10.84 13.01
N ALA A 83 18.49 10.49 11.73
CA ALA A 83 19.51 9.52 11.36
C ALA A 83 20.91 10.03 11.67
N LEU A 84 21.19 11.30 11.36
CA LEU A 84 22.48 11.90 11.72
C LEU A 84 22.72 11.86 13.23
N THR A 85 21.69 12.21 14.01
CA THR A 85 21.80 12.17 15.47
C THR A 85 22.13 10.76 15.97
N LEU A 86 21.43 9.76 15.42
CA LEU A 86 21.67 8.38 15.85
C LEU A 86 23.09 7.94 15.53
N GLY A 87 23.58 8.27 14.33
CA GLY A 87 24.92 7.84 13.96
C GLY A 87 25.98 8.45 14.85
N ASP A 88 25.87 9.75 15.10
CA ASP A 88 26.81 10.39 16.01
C ASP A 88 26.68 9.83 17.42
N HIS A 89 25.45 9.53 17.85
CA HIS A 89 25.30 8.95 19.19
C HIS A 89 26.00 7.60 19.30
N PHE A 90 25.85 6.71 18.32
CA PHE A 90 26.51 5.41 18.42
C PHE A 90 28.03 5.55 18.39
N LEU A 91 28.56 6.49 17.62
CA LEU A 91 30.01 6.68 17.62
C LEU A 91 30.53 7.15 18.97
N ARG A 92 29.75 7.98 19.67
CA ARG A 92 30.13 8.40 21.02
C ARG A 92 30.13 7.23 22.00
N GLN A 93 29.18 6.30 21.84
CA GLN A 93 28.95 5.25 22.83
C GLN A 93 29.74 3.97 22.56
N VAL A 94 30.19 3.77 21.33
CA VAL A 94 30.85 2.51 20.96
C VAL A 94 32.25 2.84 20.46
N PRO A 95 33.25 2.87 21.34
CA PRO A 95 34.60 3.31 20.92
C PRO A 95 35.18 2.48 19.79
N ALA A 96 34.84 1.19 19.73
CA ALA A 96 35.39 0.35 18.67
C ALA A 96 34.79 0.64 17.30
N ALA A 97 33.66 1.35 17.25
CA ALA A 97 33.03 1.64 15.97
C ALA A 97 33.83 2.68 15.20
N THR A 98 34.00 2.44 13.90
CA THR A 98 34.54 3.44 12.99
C THR A 98 33.45 4.16 12.21
N GLY A 99 32.25 3.58 12.13
CA GLY A 99 31.21 4.19 11.34
C GLY A 99 29.85 3.62 11.72
N ALA A 100 28.81 4.34 11.32
CA ALA A 100 27.43 3.92 11.54
C ALA A 100 26.64 4.22 10.28
N ARG A 101 25.80 3.27 9.89
CA ARG A 101 24.85 3.46 8.81
C ARG A 101 23.45 3.39 9.39
N ILE A 102 22.68 4.46 9.25
CA ILE A 102 21.32 4.54 9.77
C ILE A 102 20.39 4.69 8.58
N ALA A 103 19.46 3.75 8.41
CA ALA A 103 18.49 3.82 7.33
C ALA A 103 17.10 3.99 7.93
N ILE A 104 16.29 4.87 7.34
CA ILE A 104 14.95 5.12 7.85
C ILE A 104 13.96 5.17 6.70
N GLU A 105 12.82 4.52 6.88
CA GLU A 105 11.63 4.70 6.06
C GLU A 105 10.58 5.47 6.85
N GLU A 106 9.87 6.40 6.20
CA GLU A 106 8.77 7.11 6.85
C GLU A 106 7.47 6.84 6.08
N TYR A 107 6.41 6.49 6.82
CA TYR A 107 5.08 6.27 6.26
C TYR A 107 4.22 7.50 6.57
N ALA A 108 3.76 8.19 5.54
CA ALA A 108 3.05 9.44 5.74
C ALA A 108 1.58 9.21 6.10
N TRP A 109 1.07 10.09 6.94
CA TRP A 109 -0.32 10.10 7.35
C TRP A 109 -0.94 11.45 7.02
N ASP A 110 -2.19 11.42 6.60
CA ASP A 110 -3.04 12.59 6.45
C ASP A 110 -4.06 12.64 7.59
N ARG A 111 -4.60 13.82 7.82
CA ARG A 111 -5.72 13.93 8.77
C ARG A 111 -7.01 13.44 8.13
N ILE A 112 -7.83 12.73 8.92
CA ILE A 112 -9.14 12.35 8.40
C ILE A 112 -9.98 13.60 8.19
N ASP A 113 -10.64 13.69 7.03
CA ASP A 113 -11.46 14.86 6.72
C ASP A 113 -12.79 14.76 7.45
N VAL A 114 -13.10 15.76 8.26
CA VAL A 114 -14.37 15.84 8.96
C VAL A 114 -15.06 17.09 8.45
N ASP A 115 -16.01 16.90 7.53
CA ASP A 115 -16.79 17.99 6.92
C ASP A 115 -15.90 19.13 6.46
N GLY A 116 -14.84 18.78 5.72
CA GLY A 116 -13.99 19.76 5.08
C GLY A 116 -12.76 20.18 5.86
N THR A 117 -12.64 19.78 7.13
CA THR A 117 -11.51 20.16 7.96
C THR A 117 -10.82 18.91 8.49
N GLY A 118 -9.49 18.88 8.43
CA GLY A 118 -8.76 17.74 8.97
C GLY A 118 -8.88 17.64 10.49
N HIS A 119 -9.05 16.41 10.97
CA HIS A 119 -9.31 16.17 12.38
C HIS A 119 -8.05 16.37 13.21
N ASP A 120 -8.23 16.79 14.46
CA ASP A 120 -7.12 17.09 15.36
C ASP A 120 -6.25 15.86 15.64
N HIS A 121 -6.86 14.68 15.72
CA HIS A 121 -6.09 13.52 16.18
C HIS A 121 -6.56 12.21 15.54
N GLY A 122 -7.16 12.29 14.36
CA GLY A 122 -7.58 11.12 13.61
C GLY A 122 -6.97 11.17 12.23
N PHE A 123 -6.32 10.08 11.82
CA PHE A 123 -5.43 10.08 10.67
C PHE A 123 -5.70 8.87 9.78
N VAL A 124 -5.33 9.01 8.51
CA VAL A 124 -5.44 7.94 7.53
C VAL A 124 -4.13 7.90 6.75
N ARG A 125 -3.62 6.70 6.48
CA ARG A 125 -2.35 6.60 5.77
C ARG A 125 -2.48 7.20 4.37
N ARG A 126 -1.44 7.91 3.94
CA ARG A 126 -1.47 8.57 2.63
C ARG A 126 -1.31 7.57 1.50
N GLY A 127 -0.43 6.59 1.67
CA GLY A 127 -0.39 5.44 0.77
C GLY A 127 0.19 5.68 -0.60
N GLN A 128 1.12 6.62 -0.74
CA GLN A 128 1.68 6.97 -2.05
C GLN A 128 3.19 6.96 -2.02
N GLY A 129 3.73 5.86 -1.53
CA GLY A 129 5.17 5.67 -1.52
C GLY A 129 5.76 6.00 -0.16
N THR A 130 7.02 5.59 -0.01
CA THR A 130 7.73 5.71 1.24
C THR A 130 8.88 6.68 1.06
N ARG A 131 8.98 7.67 1.95
CA ARG A 131 10.16 8.53 2.01
C ARG A 131 11.27 7.81 2.77
N THR A 132 12.50 7.87 2.23
CA THR A 132 13.60 7.11 2.81
C THR A 132 14.81 8.01 3.02
N THR A 133 15.70 7.57 3.93
CA THR A 133 17.02 8.16 4.01
C THR A 133 18.01 7.06 4.39
N VAL A 134 19.25 7.22 3.93
CA VAL A 134 20.38 6.39 4.34
C VAL A 134 21.50 7.34 4.72
N VAL A 135 21.86 7.36 6.00
CA VAL A 135 22.85 8.29 6.52
C VAL A 135 24.03 7.49 7.02
N THR A 136 25.22 7.85 6.56
CA THR A 136 26.46 7.20 7.00
C THR A 136 27.30 8.25 7.71
N VAL A 137 27.75 7.93 8.92
CA VAL A 137 28.64 8.80 9.68
C VAL A 137 29.89 8.00 10.00
N GLU A 138 31.05 8.57 9.68
CA GLU A 138 32.33 7.92 9.93
C GLU A 138 33.24 8.86 10.68
N GLY A 139 33.87 8.36 11.75
CA GLY A 139 34.88 9.11 12.44
C GLY A 139 34.32 10.11 13.44
N ARG A 140 35.24 10.81 14.10
CA ARG A 140 34.92 11.67 15.22
C ARG A 140 35.74 12.94 15.15
N GLY A 141 35.22 14.01 15.75
CA GLY A 141 35.96 15.27 15.81
C GLY A 141 36.23 15.84 14.43
N ASP A 142 37.45 16.34 14.24
CA ASP A 142 37.80 16.94 12.95
C ASP A 142 37.80 15.93 11.83
N GLU A 143 37.90 14.64 12.15
CA GLU A 143 37.96 13.57 11.15
C GLU A 143 36.58 13.06 10.76
N ARG A 144 35.52 13.54 11.42
CA ARG A 144 34.17 13.08 11.12
C ARG A 144 33.77 13.45 9.69
N ARG A 145 33.19 12.49 8.99
CA ARG A 145 32.59 12.69 7.68
C ARG A 145 31.19 12.11 7.72
N ALA A 146 30.25 12.79 7.06
CA ALA A 146 28.88 12.29 6.99
C ALA A 146 28.39 12.38 5.55
N TRP A 147 27.48 11.46 5.20
CA TRP A 147 26.86 11.42 3.90
C TRP A 147 25.38 11.14 4.08
N VAL A 148 24.55 11.85 3.31
CA VAL A 148 23.10 11.63 3.36
C VAL A 148 22.58 11.25 1.99
N LEU A 149 21.92 10.10 1.91
CA LEU A 149 21.06 9.77 0.79
C LEU A 149 19.63 9.94 1.23
N SER A 150 18.79 10.49 0.35
CA SER A 150 17.36 10.48 0.58
C SER A 150 16.66 9.88 -0.64
N GLY A 151 15.40 9.48 -0.47
CA GLY A 151 14.80 8.80 -1.59
C GLY A 151 13.31 8.57 -1.43
N ILE A 152 12.76 7.88 -2.42
CA ILE A 152 11.36 7.49 -2.49
C ILE A 152 11.31 6.05 -2.96
N SER A 153 10.45 5.25 -2.33
CA SER A 153 10.25 3.87 -2.76
C SER A 153 8.75 3.61 -2.91
N ASP A 154 8.43 2.66 -3.80
CA ASP A 154 7.06 2.17 -3.99
C ASP A 154 6.10 3.29 -4.40
N LEU A 155 6.57 4.17 -5.28
CA LEU A 155 5.73 5.24 -5.82
C LEU A 155 5.16 4.71 -7.13
N ILE A 156 3.88 4.33 -7.09
CA ILE A 156 3.28 3.58 -8.18
C ILE A 156 2.62 4.58 -9.13
N ILE A 157 3.11 4.63 -10.36
CA ILE A 157 2.72 5.64 -11.34
C ILE A 157 2.54 4.96 -12.70
N ALA A 158 1.71 5.57 -13.54
CA ALA A 158 1.46 5.01 -14.86
C ALA A 158 1.05 6.10 -15.83
N LYS A 159 1.48 5.95 -17.08
CA LYS A 159 0.97 6.72 -18.21
C LYS A 159 0.18 5.80 -19.13
N THR A 160 -0.97 6.27 -19.62
CA THR A 160 -1.78 5.46 -20.51
C THR A 160 -1.49 5.74 -21.98
N THR A 161 -0.73 6.78 -22.28
CA THR A 161 -0.24 7.07 -23.63
C THR A 161 1.00 7.94 -23.43
N GLY A 162 1.52 8.50 -24.52
CA GLY A 162 2.77 9.22 -24.41
C GLY A 162 3.95 8.31 -24.11
N SER A 163 3.89 7.06 -24.60
CA SER A 163 4.98 6.12 -24.45
C SER A 163 5.07 5.29 -25.72
N GLU A 164 6.28 5.23 -26.29
CA GLU A 164 6.57 4.45 -27.48
C GLU A 164 7.74 3.51 -27.18
N PHE A 165 7.94 2.54 -28.06
CA PHE A 165 9.17 1.74 -28.02
C PHE A 165 9.33 1.15 -29.41
N HIS A 166 10.27 1.71 -30.18
CA HIS A 166 10.50 1.25 -31.55
C HIS A 166 11.97 1.46 -31.88
N GLY A 167 12.37 0.96 -33.05
CA GLY A 167 13.74 1.17 -33.48
C GLY A 167 14.77 0.43 -32.66
N PHE A 168 14.39 -0.68 -32.02
CA PHE A 168 15.30 -1.38 -31.14
C PHE A 168 16.10 -2.41 -31.93
N LEU A 169 17.14 -2.94 -31.29
CA LEU A 169 17.96 -3.97 -31.90
C LEU A 169 17.13 -5.21 -32.17
N LYS A 170 17.14 -5.67 -33.41
CA LYS A 170 16.41 -6.90 -33.63
C LYS A 170 17.36 -8.09 -33.59
N ASP A 171 16.76 -9.25 -33.39
CA ASP A 171 17.46 -10.45 -32.98
C ASP A 171 16.54 -11.60 -33.35
N GLU A 172 17.13 -12.77 -33.58
CA GLU A 172 16.36 -13.92 -34.03
C GLU A 172 15.32 -14.37 -33.01
N TYR A 173 15.47 -14.01 -31.74
CA TYR A 173 14.51 -14.40 -30.73
C TYR A 173 13.51 -13.31 -30.39
N THR A 174 13.48 -12.23 -31.17
CA THR A 174 12.56 -11.12 -30.90
C THR A 174 11.19 -11.41 -31.50
N THR A 175 10.16 -11.35 -30.67
CA THR A 175 8.77 -11.41 -31.12
C THR A 175 8.01 -10.12 -30.87
N LEU A 176 8.59 -9.20 -30.09
CA LEU A 176 7.91 -7.96 -29.74
C LEU A 176 7.80 -7.04 -30.94
N GLU A 177 6.59 -6.57 -31.20
CA GLU A 177 6.37 -5.58 -32.24
C GLU A 177 6.73 -4.18 -31.76
N GLU A 178 7.34 -3.40 -32.65
CA GLU A 178 7.52 -1.98 -32.42
C GLU A 178 6.16 -1.32 -32.18
N THR A 179 6.17 -0.24 -31.39
CA THR A 179 4.90 0.44 -31.13
C THR A 179 5.15 1.93 -30.93
N HIS A 180 4.14 2.73 -31.27
CA HIS A 180 4.15 4.16 -31.02
C HIS A 180 3.17 4.57 -29.93
N ASP A 181 2.57 3.61 -29.23
CA ASP A 181 1.60 3.92 -28.18
C ASP A 181 1.43 2.71 -27.28
N ARG A 182 1.73 2.88 -26.00
CA ARG A 182 1.58 1.81 -25.03
C ARG A 182 1.39 2.46 -23.67
N ILE A 183 1.04 1.62 -22.70
CA ILE A 183 1.06 2.03 -21.30
C ILE A 183 2.49 1.92 -20.78
N LEU A 184 2.88 2.87 -19.93
CA LEU A 184 4.14 2.80 -19.20
C LEU A 184 3.80 2.89 -17.71
N ALA A 185 3.91 1.77 -17.00
CA ALA A 185 3.54 1.67 -15.61
C ALA A 185 4.73 1.18 -14.80
N THR A 186 4.96 1.78 -13.63
CA THR A 186 6.11 1.39 -12.83
C THR A 186 5.82 1.63 -11.36
N SER A 187 6.75 1.17 -10.52
CA SER A 187 6.81 1.49 -9.11
C SER A 187 8.21 2.04 -8.88
N LEU A 188 8.32 3.36 -8.70
CA LEU A 188 9.63 3.99 -8.71
C LEU A 188 10.36 3.74 -7.39
N HIS A 189 11.62 3.32 -7.50
CA HIS A 189 12.54 3.27 -6.37
C HIS A 189 13.72 4.17 -6.71
N THR A 190 14.02 5.13 -5.84
CA THR A 190 15.10 6.06 -6.16
C THR A 190 15.78 6.53 -4.89
N ARG A 191 17.09 6.82 -4.99
CA ARG A 191 17.84 7.48 -3.94
C ARG A 191 18.77 8.50 -4.57
N TRP A 192 18.91 9.67 -3.92
CA TRP A 192 19.84 10.70 -4.36
C TRP A 192 20.77 11.09 -3.21
N ARG A 193 21.97 11.56 -3.57
CA ARG A 193 23.00 11.89 -2.59
C ARG A 193 23.15 13.41 -2.50
N TYR A 194 23.17 13.93 -1.27
CA TYR A 194 23.39 15.36 -1.04
C TYR A 194 24.87 15.65 -0.94
N LEU A 195 25.28 16.81 -1.48
CA LEU A 195 26.69 17.19 -1.43
C LEU A 195 27.10 17.58 -0.02
N THR A 196 26.19 18.16 0.76
CA THR A 196 26.45 18.56 2.15
C THR A 196 25.19 18.32 2.97
N THR A 197 25.31 18.49 4.29
CA THR A 197 24.18 18.35 5.20
C THR A 197 23.54 19.70 5.52
N ASP A 198 23.90 20.75 4.79
CA ASP A 198 23.29 22.07 4.96
C ASP A 198 22.10 22.21 4.00
N VAL A 199 21.07 21.41 4.28
CA VAL A 199 19.94 21.23 3.38
C VAL A 199 18.64 21.36 4.16
N ASP A 200 17.67 22.07 3.59
CA ASP A 200 16.31 22.06 4.10
C ASP A 200 15.68 20.75 3.62
N TRP A 201 15.67 19.73 4.49
CA TRP A 201 15.37 18.38 4.03
C TRP A 201 13.96 18.27 3.49
N ASP A 202 12.99 18.84 4.22
CA ASP A 202 11.59 18.69 3.84
C ASP A 202 11.28 19.44 2.55
N LYS A 203 11.83 20.65 2.41
CA LYS A 203 11.58 21.44 1.22
C LYS A 203 12.18 20.77 -0.01
N THR A 204 13.41 20.25 0.12
CA THR A 204 14.05 19.63 -1.03
C THR A 204 13.38 18.31 -1.38
N PHE A 205 13.03 17.51 -0.37
CA PHE A 205 12.28 16.28 -0.66
C PHE A 205 11.01 16.58 -1.43
N ALA A 206 10.20 17.53 -0.95
CA ALA A 206 8.94 17.81 -1.63
C ALA A 206 9.18 18.25 -3.07
N SER A 207 10.23 19.06 -3.29
CA SER A 207 10.51 19.54 -4.64
C SER A 207 10.97 18.40 -5.54
N VAL A 208 11.87 17.56 -5.03
CA VAL A 208 12.35 16.44 -5.84
C VAL A 208 11.19 15.52 -6.22
N ARG A 209 10.32 15.23 -5.26
CA ARG A 209 9.17 14.38 -5.55
C ARG A 209 8.32 14.95 -6.67
N SER A 210 8.02 16.26 -6.61
CA SER A 210 7.21 16.89 -7.66
C SER A 210 7.90 16.83 -9.01
N ILE A 211 9.22 17.02 -9.04
CA ILE A 211 9.93 17.01 -10.31
C ILE A 211 9.88 15.63 -10.93
N LEU A 212 10.10 14.60 -10.11
CA LEU A 212 10.05 13.23 -10.62
C LEU A 212 8.69 12.94 -11.25
N LEU A 213 7.61 13.30 -10.54
CA LEU A 213 6.27 13.02 -11.03
C LEU A 213 5.94 13.85 -12.27
N ARG A 214 6.29 15.13 -12.25
CA ARG A 214 6.01 16.00 -13.40
C ARG A 214 6.73 15.53 -14.66
N GLN A 215 8.01 15.16 -14.53
CA GLN A 215 8.77 14.69 -15.67
C GLN A 215 8.24 13.36 -16.19
N PHE A 216 7.92 12.44 -15.28
CA PHE A 216 7.34 11.18 -15.72
C PHE A 216 6.12 11.43 -16.58
N ALA A 217 5.22 12.31 -16.13
CA ALA A 217 3.95 12.53 -16.81
C ALA A 217 4.10 13.32 -18.11
N THR A 218 4.96 14.34 -18.11
CA THR A 218 5.00 15.27 -19.25
C THR A 218 6.04 14.93 -20.31
N VAL A 219 7.03 14.12 -19.98
CA VAL A 219 8.05 13.77 -20.98
C VAL A 219 7.50 12.67 -21.87
N HIS A 220 7.42 12.95 -23.17
CA HIS A 220 7.05 11.91 -24.11
C HIS A 220 8.12 10.84 -24.09
N SER A 221 7.71 9.60 -23.81
CA SER A 221 8.67 8.54 -23.51
C SER A 221 8.94 7.71 -24.75
N LEU A 222 10.21 7.66 -25.16
CA LEU A 222 10.66 6.73 -26.20
C LEU A 222 11.24 5.44 -25.62
N ALA A 223 11.39 5.38 -24.29
CA ALA A 223 11.90 4.23 -23.56
C ALA A 223 11.83 4.56 -22.08
N LEU A 224 11.67 3.55 -21.22
CA LEU A 224 11.80 3.81 -19.79
C LEU A 224 13.19 4.37 -19.44
N GLN A 225 14.23 3.86 -20.11
CA GLN A 225 15.58 4.43 -19.98
C GLN A 225 15.56 5.95 -20.15
N GLN A 226 14.93 6.43 -21.21
CA GLN A 226 14.92 7.86 -21.51
C GLN A 226 14.05 8.63 -20.53
N THR A 227 12.93 8.02 -20.10
CA THR A 227 12.10 8.64 -19.06
C THR A 227 12.89 8.81 -17.77
N LEU A 228 13.61 7.77 -17.35
CA LEU A 228 14.38 7.87 -16.11
C LEU A 228 15.48 8.91 -16.23
N TYR A 229 16.17 8.94 -17.36
CA TYR A 229 17.20 9.96 -17.54
C TYR A 229 16.60 11.37 -17.49
N ALA A 230 15.42 11.59 -18.11
CA ALA A 230 14.82 12.91 -18.07
C ALA A 230 14.39 13.29 -16.66
N MET A 231 13.86 12.32 -15.90
CA MET A 231 13.51 12.55 -14.51
C MET A 231 14.75 12.93 -13.68
N GLY A 232 15.79 12.10 -13.77
CA GLY A 232 16.97 12.32 -12.94
C GLY A 232 17.68 13.62 -13.27
N SER A 233 17.87 13.90 -14.56
CA SER A 233 18.59 15.10 -14.94
C SER A 233 17.82 16.35 -14.56
N ALA A 234 16.48 16.31 -14.63
CA ALA A 234 15.69 17.46 -14.18
C ALA A 234 15.90 17.73 -12.70
N VAL A 235 15.99 16.67 -11.89
CA VAL A 235 16.27 16.84 -10.46
C VAL A 235 17.62 17.52 -10.26
N LEU A 236 18.66 17.02 -10.93
CA LEU A 236 19.99 17.60 -10.75
C LEU A 236 20.02 19.07 -11.21
N GLU A 237 19.32 19.40 -12.30
CA GLU A 237 19.30 20.77 -12.79
C GLU A 237 18.68 21.72 -11.78
N ALA A 238 17.59 21.28 -11.13
CA ALA A 238 16.89 22.12 -10.17
C ALA A 238 17.57 22.16 -8.82
N HIS A 239 18.45 21.20 -8.52
CA HIS A 239 19.00 21.03 -7.18
C HIS A 239 20.51 20.84 -7.28
N PRO A 240 21.26 21.94 -7.34
CA PRO A 240 22.73 21.84 -7.36
C PRO A 240 23.32 21.24 -6.11
N GLU A 241 22.55 21.15 -5.02
CA GLU A 241 23.01 20.49 -3.81
C GLU A 241 22.96 18.96 -3.91
N ILE A 242 22.42 18.40 -4.98
CA ILE A 242 22.33 16.96 -5.15
C ILE A 242 23.43 16.52 -6.12
N ALA A 243 24.25 15.56 -5.70
CA ALA A 243 25.38 15.12 -6.51
C ALA A 243 25.01 14.08 -7.56
N GLU A 244 24.03 13.25 -7.27
CA GLU A 244 23.70 12.13 -8.13
C GLU A 244 22.37 11.57 -7.70
N ILE A 245 21.69 10.91 -8.62
CA ILE A 245 20.43 10.25 -8.32
C ILE A 245 20.42 8.92 -9.05
N ARG A 246 20.05 7.86 -8.34
CA ARG A 246 19.88 6.54 -8.92
C ARG A 246 18.40 6.18 -8.95
N LEU A 247 17.96 5.62 -10.07
CA LEU A 247 16.56 5.25 -10.26
C LEU A 247 16.49 3.80 -10.70
N SER A 248 15.58 3.04 -10.08
CA SER A 248 15.34 1.65 -10.45
C SER A 248 13.85 1.50 -10.66
N ALA A 249 13.46 1.15 -11.88
CA ALA A 249 12.05 1.20 -12.29
C ALA A 249 11.66 -0.09 -12.99
N PRO A 250 10.74 -0.88 -12.45
CA PRO A 250 10.19 -2.01 -13.20
C PRO A 250 9.25 -1.49 -14.30
N ASN A 251 9.25 -2.17 -15.43
CA ASN A 251 8.28 -1.91 -16.49
C ASN A 251 7.20 -2.97 -16.29
N LYS A 252 6.14 -2.59 -15.58
CA LYS A 252 5.06 -3.51 -15.24
C LYS A 252 4.11 -3.60 -16.43
N HIS A 253 4.23 -4.68 -17.18
CA HIS A 253 3.60 -4.73 -18.50
C HIS A 253 2.09 -4.82 -18.38
N HIS A 254 1.41 -3.94 -19.11
CA HIS A 254 -0.03 -3.98 -19.29
C HIS A 254 -0.23 -4.38 -20.75
N PHE A 255 -0.61 -5.63 -20.97
CA PHE A 255 -0.68 -6.20 -22.30
C PHE A 255 -2.03 -5.92 -22.94
N LEU A 256 -2.02 -5.40 -24.17
CA LEU A 256 -3.26 -5.19 -24.89
C LEU A 256 -3.88 -6.54 -25.24
N VAL A 257 -5.05 -6.83 -24.67
CA VAL A 257 -5.66 -8.14 -24.86
C VAL A 257 -6.22 -8.23 -26.27
N ASP A 258 -5.95 -9.36 -26.93
CA ASP A 258 -6.52 -9.66 -28.25
C ASP A 258 -8.00 -10.03 -28.08
N LEU A 259 -8.90 -9.14 -28.53
CA LEU A 259 -10.32 -9.40 -28.45
C LEU A 259 -10.92 -9.83 -29.77
N GLN A 260 -10.10 -9.92 -30.81
CA GLN A 260 -10.57 -10.46 -32.09
C GLN A 260 -11.25 -11.82 -31.96
N PRO A 261 -10.75 -12.77 -31.16
CA PRO A 261 -11.47 -14.06 -31.03
C PRO A 261 -12.89 -13.91 -30.52
N PHE A 262 -13.23 -12.78 -29.90
CA PHE A 262 -14.54 -12.55 -29.32
C PHE A 262 -15.38 -11.58 -30.16
N GLY A 263 -14.94 -11.26 -31.37
CA GLY A 263 -15.67 -10.37 -32.24
C GLY A 263 -15.58 -8.91 -31.91
N LEU A 264 -14.56 -8.50 -31.13
CA LEU A 264 -14.43 -7.12 -30.69
C LEU A 264 -13.08 -6.56 -31.12
N ASP A 265 -13.02 -5.25 -31.27
CA ASP A 265 -11.74 -4.58 -31.42
C ASP A 265 -11.29 -4.07 -30.06
N ASN A 266 -10.05 -3.60 -30.00
CA ASN A 266 -9.46 -3.13 -28.75
C ASN A 266 -8.50 -1.99 -29.05
N PRO A 267 -9.03 -0.81 -29.28
CA PRO A 267 -8.19 0.34 -29.66
C PRO A 267 -7.51 0.96 -28.44
N GLY A 268 -6.62 0.19 -27.82
CA GLY A 268 -5.89 0.67 -26.66
C GLY A 268 -6.71 0.81 -25.39
N GLU A 269 -7.67 -0.08 -25.19
CA GLU A 269 -8.63 0.11 -24.09
C GLU A 269 -8.57 -0.96 -23.01
N VAL A 270 -8.41 -2.23 -23.37
CA VAL A 270 -8.51 -3.33 -22.41
C VAL A 270 -7.15 -4.02 -22.30
N PHE A 271 -6.62 -4.09 -21.08
CA PHE A 271 -5.28 -4.60 -20.84
C PHE A 271 -5.27 -5.62 -19.71
N TYR A 272 -4.33 -6.56 -19.81
CA TYR A 272 -4.02 -7.52 -18.76
C TYR A 272 -2.80 -7.01 -18.00
N ALA A 273 -2.95 -6.79 -16.69
CA ALA A 273 -1.87 -6.24 -15.88
C ALA A 273 -1.05 -7.41 -15.33
N SER A 274 0.08 -7.69 -15.98
CA SER A 274 0.88 -8.87 -15.68
C SER A 274 1.79 -8.63 -14.48
N ASP A 275 1.93 -9.65 -13.62
CA ASP A 275 2.77 -9.51 -12.43
C ASP A 275 4.24 -9.71 -12.75
N ARG A 276 4.58 -10.84 -13.36
CA ARG A 276 5.96 -11.25 -13.61
C ARG A 276 5.96 -11.98 -14.93
N PRO A 277 7.01 -11.86 -15.73
CA PRO A 277 8.19 -11.05 -15.49
C PRO A 277 7.91 -9.57 -15.74
N TYR A 278 8.88 -8.73 -15.45
CA TYR A 278 8.78 -7.31 -15.71
C TYR A 278 10.15 -6.83 -16.14
N GLY A 279 10.18 -5.94 -17.13
CA GLY A 279 11.41 -5.23 -17.40
C GLY A 279 11.90 -4.54 -16.14
N LEU A 280 13.22 -4.45 -15.99
CA LEU A 280 13.78 -3.74 -14.84
C LEU A 280 14.88 -2.84 -15.37
N ILE A 281 14.63 -1.54 -15.32
CA ILE A 281 15.43 -0.52 -15.99
C ILE A 281 16.05 0.34 -14.89
N GLU A 282 17.38 0.38 -14.83
CA GLU A 282 18.07 1.00 -13.71
C GLU A 282 19.14 1.96 -14.20
N ALA A 283 19.13 3.20 -13.71
CA ALA A 283 20.02 4.22 -14.27
C ALA A 283 20.46 5.20 -13.20
N SER A 284 21.67 5.70 -13.37
CA SER A 284 22.25 6.71 -12.50
C SER A 284 22.45 7.99 -13.31
N VAL A 285 22.05 9.13 -12.74
CA VAL A 285 22.33 10.44 -13.32
C VAL A 285 23.23 11.18 -12.34
N VAL A 286 24.37 11.69 -12.84
CA VAL A 286 25.43 12.15 -11.95
C VAL A 286 25.98 13.49 -12.41
N ARG A 287 26.49 14.25 -11.44
CA ARG A 287 27.28 15.44 -11.72
C ARG A 287 28.71 15.01 -12.00
N ASP A 288 29.16 15.20 -13.24
CA ASP A 288 30.50 14.82 -13.66
C ASP A 288 31.59 15.64 -12.97
N ASP A 289 31.23 16.78 -12.40
CA ASP A 289 32.19 17.77 -11.90
C ASP A 289 32.41 17.68 -10.40
N VAL A 290 31.77 16.74 -9.71
CA VAL A 290 31.98 16.60 -8.27
C VAL A 290 32.54 15.21 -7.99
N PRO A 291 33.27 15.02 -6.90
CA PRO A 291 33.80 13.68 -6.59
C PRO A 291 32.70 12.69 -6.25
N GLU A 292 32.97 11.43 -6.58
CA GLU A 292 32.13 10.35 -6.11
C GLU A 292 32.27 10.20 -4.59
N ALA A 293 31.31 9.49 -4.00
CA ALA A 293 31.32 9.20 -2.57
C ALA A 293 30.86 7.75 -2.36
N PRO A 294 31.70 6.78 -2.71
CA PRO A 294 31.27 5.38 -2.54
C PRO A 294 30.94 5.03 -1.11
N GLU A 295 31.52 5.75 -0.13
CA GLU A 295 31.20 5.50 1.27
C GLU A 295 29.71 5.63 1.54
N ALA A 296 29.02 6.53 0.82
CA ALA A 296 27.61 6.77 1.09
C ALA A 296 26.73 5.60 0.69
N TRP A 297 27.19 4.78 -0.24
CA TRP A 297 26.41 3.73 -0.88
C TRP A 297 26.78 2.35 -0.40
N LEU A 298 27.77 2.23 0.48
CA LEU A 298 28.26 0.92 0.88
C LEU A 298 27.17 0.15 1.62
N ALA A 299 26.88 -1.05 1.13
CA ALA A 299 25.84 -1.93 1.66
C ALA A 299 24.44 -1.38 1.44
N THR A 300 24.27 -0.46 0.45
CA THR A 300 22.96 -0.11 -0.09
C THR A 300 22.81 -0.80 -1.44
N PRO A 301 21.73 -1.55 -1.70
CA PRO A 301 20.58 -1.68 -0.80
C PRO A 301 20.78 -2.73 0.30
N GLY A 302 21.82 -3.53 0.21
CA GLY A 302 22.08 -4.53 1.23
C GLY A 302 23.52 -4.99 1.18
N PHE A 303 23.83 -5.90 2.11
CA PHE A 303 25.21 -6.31 2.35
C PHE A 303 25.67 -7.37 1.34
N CYS A 304 24.78 -8.28 0.97
CA CYS A 304 25.11 -9.36 0.04
C CYS A 304 23.84 -10.01 -0.49
N ALA B 5 -22.70 -43.69 1.07
CA ALA B 5 -22.75 -42.68 2.11
C ALA B 5 -21.91 -41.43 1.74
N ILE B 6 -20.88 -41.63 0.92
CA ILE B 6 -19.94 -40.55 0.58
C ILE B 6 -20.40 -39.90 -0.72
N VAL B 7 -20.60 -38.58 -0.68
CA VAL B 7 -21.11 -37.84 -1.83
C VAL B 7 -20.38 -36.51 -1.96
N LEU B 8 -20.54 -35.91 -3.14
CA LEU B 8 -20.09 -34.54 -3.35
C LEU B 8 -21.05 -33.57 -2.63
N GLY B 9 -20.48 -32.61 -1.93
CA GLY B 9 -21.26 -31.59 -1.26
C GLY B 9 -21.21 -30.27 -2.01
N ARG B 10 -21.17 -29.17 -1.26
CA ARG B 10 -21.04 -27.85 -1.86
C ARG B 10 -19.77 -27.79 -2.69
N ASN B 11 -19.83 -27.03 -3.79
CA ASN B 11 -18.66 -26.87 -4.64
C ASN B 11 -18.85 -25.62 -5.50
N GLN B 12 -17.73 -25.03 -5.90
CA GLN B 12 -17.78 -23.89 -6.82
C GLN B 12 -16.43 -23.82 -7.52
N TYR B 13 -16.42 -23.18 -8.68
CA TYR B 13 -15.15 -23.09 -9.42
C TYR B 13 -15.16 -21.88 -10.32
N GLY B 14 -13.97 -21.36 -10.61
CA GLY B 14 -13.90 -20.25 -11.54
C GLY B 14 -12.48 -19.75 -11.68
N LYS B 15 -12.34 -18.55 -12.21
CA LYS B 15 -11.02 -17.95 -12.37
C LYS B 15 -10.81 -16.87 -11.30
N ALA B 16 -9.71 -16.99 -10.59
CA ALA B 16 -9.39 -16.07 -9.51
C ALA B 16 -8.33 -15.08 -9.95
N GLU B 17 -8.51 -13.81 -9.55
CA GLU B 17 -7.50 -12.76 -9.66
C GLU B 17 -7.15 -12.45 -11.12
N VAL B 18 -8.19 -12.15 -11.88
CA VAL B 18 -8.05 -11.61 -13.24
C VAL B 18 -7.81 -10.12 -13.13
N ARG B 19 -6.60 -9.68 -13.45
CA ARG B 19 -6.23 -8.26 -13.35
C ARG B 19 -6.52 -7.60 -14.69
N VAL B 20 -7.54 -6.75 -14.71
CA VAL B 20 -7.94 -6.07 -15.93
C VAL B 20 -7.84 -4.57 -15.69
N PHE B 21 -7.24 -3.88 -16.64
CA PHE B 21 -6.95 -2.46 -16.61
C PHE B 21 -7.66 -1.88 -17.83
N ARG B 22 -8.66 -1.04 -17.59
CA ARG B 22 -9.48 -0.49 -18.67
C ARG B 22 -9.21 1.00 -18.78
N VAL B 23 -8.91 1.46 -19.99
CA VAL B 23 -8.67 2.87 -20.27
C VAL B 23 -9.87 3.41 -21.04
N TYR B 24 -10.39 4.53 -20.59
CA TYR B 24 -11.36 5.31 -21.35
C TYR B 24 -10.61 6.45 -22.02
N ARG B 25 -10.62 6.47 -23.34
CA ARG B 25 -9.78 7.42 -24.06
C ARG B 25 -10.52 8.01 -25.26
N ASP B 26 -11.82 8.24 -25.13
CA ASP B 26 -12.53 8.87 -26.23
C ASP B 26 -12.07 10.31 -26.46
N THR B 27 -11.52 10.95 -25.44
CA THR B 27 -10.93 12.27 -25.50
C THR B 27 -9.53 12.17 -24.94
N PRO B 28 -8.69 13.21 -25.11
CA PRO B 28 -7.31 13.13 -24.58
C PRO B 28 -7.24 13.01 -23.08
N ARG B 29 -8.33 13.31 -22.37
CA ARG B 29 -8.37 13.19 -20.90
C ARG B 29 -8.76 11.75 -20.57
N HIS B 30 -7.75 10.90 -20.39
CA HIS B 30 -7.99 9.49 -20.13
C HIS B 30 -8.51 9.26 -18.71
N GLU B 31 -9.27 8.17 -18.57
CA GLU B 31 -9.70 7.69 -17.26
C GLU B 31 -9.32 6.22 -17.17
N VAL B 32 -9.09 5.74 -15.94
CA VAL B 32 -8.63 4.37 -15.74
C VAL B 32 -9.54 3.62 -14.78
N ARG B 33 -9.66 2.31 -15.03
CA ARG B 33 -10.33 1.37 -14.13
C ARG B 33 -9.37 0.21 -13.93
N ASP B 34 -8.91 0.02 -12.69
CA ASP B 34 -7.86 -0.96 -12.37
C ASP B 34 -8.48 -1.99 -11.42
N LEU B 35 -8.78 -3.19 -11.93
CA LEU B 35 -9.59 -4.17 -11.22
C LEU B 35 -8.88 -5.49 -11.02
N ASN B 36 -9.26 -6.19 -9.97
CA ASN B 36 -8.93 -7.60 -9.76
C ASN B 36 -10.24 -8.35 -9.60
N VAL B 37 -10.46 -9.38 -10.44
CA VAL B 37 -11.77 -10.00 -10.57
C VAL B 37 -11.68 -11.49 -10.25
N TRP B 38 -12.66 -11.98 -9.49
CA TRP B 38 -12.84 -13.41 -9.24
C TRP B 38 -14.20 -13.84 -9.77
N THR B 39 -14.23 -14.97 -10.48
CA THR B 39 -15.48 -15.60 -10.88
C THR B 39 -15.59 -16.96 -10.19
N ALA B 40 -16.81 -17.35 -9.80
CA ALA B 40 -17.05 -18.70 -9.27
C ALA B 40 -18.46 -19.10 -9.66
N LEU B 41 -18.59 -20.24 -10.34
CA LEU B 41 -19.90 -20.75 -10.72
C LEU B 41 -20.31 -21.87 -9.77
N ARG B 42 -21.61 -21.94 -9.49
CA ARG B 42 -22.21 -23.04 -8.75
C ARG B 42 -23.28 -23.69 -9.62
N GLY B 43 -23.52 -24.97 -9.39
CA GLY B 43 -24.55 -25.61 -10.19
C GLY B 43 -24.35 -27.12 -10.20
N ASP B 44 -24.87 -27.75 -11.26
CA ASP B 44 -24.77 -29.21 -11.40
C ASP B 44 -23.43 -29.54 -12.06
N PHE B 45 -22.40 -29.67 -11.23
CA PHE B 45 -21.08 -30.06 -11.71
C PHE B 45 -20.64 -31.38 -11.06
N THR B 46 -21.64 -32.21 -10.73
CA THR B 46 -21.37 -33.42 -9.98
C THR B 46 -20.55 -34.41 -10.80
N ASP B 47 -20.96 -34.66 -12.05
CA ASP B 47 -20.21 -35.63 -12.85
C ASP B 47 -18.79 -35.16 -13.11
N ALA B 48 -18.59 -33.85 -13.25
CA ALA B 48 -17.24 -33.34 -13.47
C ALA B 48 -16.30 -33.72 -12.34
N HIS B 49 -16.83 -33.88 -11.13
CA HIS B 49 -16.09 -34.31 -9.96
C HIS B 49 -16.03 -35.84 -9.85
N VAL B 50 -17.18 -36.49 -10.02
CA VAL B 50 -17.28 -37.90 -9.65
C VAL B 50 -16.77 -38.82 -10.75
N THR B 51 -17.13 -38.54 -12.00
CA THR B 51 -16.72 -39.39 -13.11
C THR B 51 -15.67 -38.76 -14.01
N GLY B 52 -15.46 -37.45 -13.93
CA GLY B 52 -14.53 -36.79 -14.82
C GLY B 52 -15.11 -36.26 -16.12
N ASP B 53 -16.42 -36.42 -16.33
CA ASP B 53 -17.07 -35.88 -17.52
C ASP B 53 -17.18 -34.36 -17.39
N GLN B 54 -16.53 -33.62 -18.29
CA GLN B 54 -16.48 -32.17 -18.20
C GLN B 54 -17.54 -31.46 -19.04
N SER B 55 -18.55 -32.20 -19.54
CA SER B 55 -19.50 -31.62 -20.50
C SER B 55 -20.18 -30.36 -19.97
N HIS B 56 -20.42 -30.28 -18.66
CA HIS B 56 -21.10 -29.13 -18.09
C HIS B 56 -20.18 -27.96 -17.81
N VAL B 57 -18.86 -28.14 -17.89
CA VAL B 57 -17.90 -27.20 -17.32
C VAL B 57 -17.44 -26.21 -18.39
N LEU B 58 -17.72 -24.93 -18.17
CA LEU B 58 -17.09 -23.88 -18.95
C LEU B 58 -15.70 -23.58 -18.38
N PRO B 59 -14.63 -23.68 -19.18
CA PRO B 59 -13.28 -23.56 -18.61
C PRO B 59 -13.10 -22.24 -17.89
N THR B 60 -12.31 -22.27 -16.80
CA THR B 60 -11.96 -21.03 -16.12
C THR B 60 -11.21 -20.09 -17.07
N ASP B 61 -10.44 -20.64 -18.02
CA ASP B 61 -9.80 -19.80 -19.04
C ASP B 61 -10.84 -19.00 -19.81
N THR B 62 -12.00 -19.59 -20.08
CA THR B 62 -13.06 -18.87 -20.78
C THR B 62 -13.64 -17.78 -19.91
N GLN B 63 -13.77 -18.07 -18.61
CA GLN B 63 -14.27 -17.06 -17.67
C GLN B 63 -13.33 -15.86 -17.62
N LYS B 64 -12.03 -16.09 -17.69
CA LYS B 64 -11.08 -14.99 -17.77
C LYS B 64 -11.29 -14.20 -19.07
N ASN B 65 -11.35 -14.91 -20.21
CA ASN B 65 -11.62 -14.26 -21.50
C ASN B 65 -12.86 -13.39 -21.44
N THR B 66 -13.90 -13.86 -20.76
CA THR B 66 -15.15 -13.12 -20.69
C THR B 66 -14.97 -11.80 -19.95
N VAL B 67 -14.16 -11.80 -18.89
CA VAL B 67 -13.86 -10.55 -18.19
C VAL B 67 -13.27 -9.53 -19.15
N TYR B 68 -12.28 -9.93 -19.95
CA TYR B 68 -11.67 -8.96 -20.86
C TYR B 68 -12.65 -8.55 -21.95
N ALA B 69 -13.42 -9.49 -22.46
CA ALA B 69 -14.36 -9.17 -23.54
C ALA B 69 -15.41 -8.19 -23.07
N LEU B 70 -16.06 -8.47 -21.92
CA LEU B 70 -17.10 -7.58 -21.43
C LEU B 70 -16.54 -6.25 -20.97
N ALA B 71 -15.26 -6.21 -20.54
CA ALA B 71 -14.64 -4.93 -20.23
C ALA B 71 -14.71 -3.97 -21.40
N LYS B 72 -14.65 -4.49 -22.63
CA LYS B 72 -14.84 -3.69 -23.83
C LYS B 72 -16.31 -3.55 -24.20
N LYS B 73 -17.01 -4.69 -24.35
CA LYS B 73 -18.38 -4.67 -24.88
C LYS B 73 -19.33 -3.94 -23.94
N GLU B 74 -19.24 -4.20 -22.64
CA GLU B 74 -20.12 -3.56 -21.67
C GLU B 74 -19.50 -2.36 -20.98
N GLY B 75 -18.17 -2.26 -20.97
CA GLY B 75 -17.49 -1.22 -20.23
C GLY B 75 -17.40 -1.51 -18.74
N ILE B 76 -16.62 -0.69 -18.04
CA ILE B 76 -16.44 -0.80 -16.60
C ILE B 76 -16.65 0.59 -16.01
N ARG B 77 -17.84 0.83 -15.47
CA ARG B 77 -18.06 2.01 -14.65
C ARG B 77 -18.07 1.60 -13.18
N ALA B 78 -19.24 1.49 -12.56
CA ALA B 78 -19.28 0.99 -11.19
C ALA B 78 -19.01 -0.51 -11.19
N ILE B 79 -18.15 -0.98 -10.27
CA ILE B 79 -17.79 -2.40 -10.27
C ILE B 79 -19.00 -3.26 -9.95
N GLU B 80 -19.96 -2.73 -9.19
CA GLU B 80 -21.18 -3.50 -8.92
C GLU B 80 -21.92 -3.86 -10.20
N ASP B 81 -22.01 -2.91 -11.13
CA ASP B 81 -22.70 -3.16 -12.38
C ASP B 81 -21.93 -4.13 -13.26
N PHE B 82 -20.59 -4.00 -13.27
CA PHE B 82 -19.78 -4.96 -14.02
C PHE B 82 -19.95 -6.36 -13.46
N ALA B 83 -20.00 -6.50 -12.13
CA ALA B 83 -20.17 -7.83 -11.52
C ALA B 83 -21.54 -8.40 -11.83
N LEU B 84 -22.59 -7.58 -11.80
CA LEU B 84 -23.93 -8.06 -12.14
C LEU B 84 -23.98 -8.53 -13.59
N THR B 85 -23.38 -7.76 -14.51
CA THR B 85 -23.31 -8.15 -15.91
C THR B 85 -22.59 -9.48 -16.10
N LEU B 86 -21.47 -9.67 -15.41
CA LEU B 86 -20.72 -10.91 -15.54
C LEU B 86 -21.54 -12.10 -15.03
N GLY B 87 -22.20 -11.93 -13.88
CA GLY B 87 -23.00 -13.03 -13.34
C GLY B 87 -24.11 -13.45 -14.29
N ASP B 88 -24.87 -12.49 -14.81
CA ASP B 88 -25.93 -12.84 -15.76
C ASP B 88 -25.37 -13.44 -17.03
N HIS B 89 -24.20 -12.96 -17.49
CA HIS B 89 -23.61 -13.54 -18.68
C HIS B 89 -23.29 -15.03 -18.48
N PHE B 90 -22.67 -15.38 -17.37
CA PHE B 90 -22.30 -16.77 -17.15
C PHE B 90 -23.53 -17.66 -17.04
N LEU B 91 -24.60 -17.16 -16.42
CA LEU B 91 -25.81 -17.96 -16.35
C LEU B 91 -26.40 -18.20 -17.73
N ARG B 92 -26.29 -17.23 -18.65
CA ARG B 92 -26.71 -17.44 -20.03
C ARG B 92 -25.86 -18.49 -20.73
N GLN B 93 -24.56 -18.51 -20.44
CA GLN B 93 -23.63 -19.34 -21.20
C GLN B 93 -23.49 -20.76 -20.64
N VAL B 94 -23.82 -20.97 -19.38
CA VAL B 94 -23.53 -22.24 -18.71
C VAL B 94 -24.84 -22.81 -18.18
N PRO B 95 -25.55 -23.63 -18.96
CA PRO B 95 -26.87 -24.08 -18.52
C PRO B 95 -26.85 -24.86 -17.22
N ALA B 96 -25.75 -25.56 -16.91
CA ALA B 96 -25.73 -26.32 -15.68
C ALA B 96 -25.54 -25.44 -14.45
N ALA B 97 -25.14 -24.18 -14.62
CA ALA B 97 -24.95 -23.30 -13.49
C ALA B 97 -26.29 -22.88 -12.91
N THR B 98 -26.39 -22.91 -11.58
CA THR B 98 -27.51 -22.34 -10.86
C THR B 98 -27.20 -20.95 -10.33
N GLY B 99 -25.94 -20.60 -10.19
CA GLY B 99 -25.60 -19.31 -9.62
C GLY B 99 -24.18 -18.95 -9.96
N ALA B 100 -23.87 -17.66 -9.76
CA ALA B 100 -22.54 -17.14 -10.00
C ALA B 100 -22.21 -16.14 -8.91
N ARG B 101 -20.98 -16.20 -8.40
CA ARG B 101 -20.47 -15.22 -7.46
C ARG B 101 -19.31 -14.51 -8.14
N ILE B 102 -19.42 -13.19 -8.30
CA ILE B 102 -18.39 -12.37 -8.91
C ILE B 102 -17.88 -11.41 -7.83
N ALA B 103 -16.58 -11.48 -7.52
CA ALA B 103 -16.00 -10.57 -6.56
C ALA B 103 -15.00 -9.67 -7.27
N ILE B 104 -15.00 -8.39 -6.93
CA ILE B 104 -14.11 -7.42 -7.59
C ILE B 104 -13.48 -6.51 -6.54
N GLU B 105 -12.18 -6.28 -6.70
CA GLU B 105 -11.43 -5.23 -6.01
C GLU B 105 -11.06 -4.16 -7.01
N GLU B 106 -11.19 -2.88 -6.63
CA GLU B 106 -10.75 -1.76 -7.45
C GLU B 106 -9.63 -0.99 -6.74
N TYR B 107 -8.55 -0.69 -7.47
CA TYR B 107 -7.46 0.12 -6.97
C TYR B 107 -7.55 1.52 -7.57
N ALA B 108 -7.68 2.52 -6.73
CA ALA B 108 -7.94 3.87 -7.19
C ALA B 108 -6.67 4.56 -7.64
N TRP B 109 -6.81 5.40 -8.66
CA TRP B 109 -5.72 6.21 -9.19
C TRP B 109 -6.17 7.67 -9.21
N ASP B 110 -5.24 8.55 -8.86
CA ASP B 110 -5.37 9.98 -9.03
C ASP B 110 -4.53 10.43 -10.23
N ARG B 111 -4.89 11.58 -10.79
CA ARG B 111 -4.05 12.18 -11.81
C ARG B 111 -2.80 12.79 -11.19
N ILE B 112 -1.66 12.65 -11.86
CA ILE B 112 -0.46 13.33 -11.37
C ILE B 112 -0.65 14.83 -11.48
N ASP B 113 -0.29 15.55 -10.43
CA ASP B 113 -0.45 17.01 -10.41
C ASP B 113 0.66 17.66 -11.23
N VAL B 114 0.29 18.40 -12.26
CA VAL B 114 1.26 19.14 -13.06
C VAL B 114 0.90 20.61 -12.94
N ASP B 115 1.65 21.33 -12.11
CA ASP B 115 1.50 22.78 -11.98
C ASP B 115 0.09 23.16 -11.53
N GLY B 116 -0.51 22.32 -10.69
CA GLY B 116 -1.81 22.62 -10.10
C GLY B 116 -2.99 21.96 -10.77
N THR B 117 -2.78 21.28 -11.89
CA THR B 117 -3.86 20.65 -12.64
C THR B 117 -3.51 19.19 -12.89
N GLY B 118 -4.49 18.31 -12.74
CA GLY B 118 -4.23 16.89 -12.99
C GLY B 118 -3.93 16.63 -14.46
N HIS B 119 -2.95 15.76 -14.69
CA HIS B 119 -2.48 15.47 -16.04
C HIS B 119 -3.50 14.63 -16.81
N ASP B 120 -3.51 14.81 -18.14
CA ASP B 120 -4.47 14.13 -19.01
C ASP B 120 -4.32 12.61 -18.97
N HIS B 121 -3.09 12.10 -18.86
CA HIS B 121 -2.89 10.66 -19.00
C HIS B 121 -1.77 10.12 -18.13
N GLY B 122 -1.46 10.79 -17.03
CA GLY B 122 -0.44 10.35 -16.11
C GLY B 122 -1.02 10.28 -14.73
N PHE B 123 -0.83 9.16 -14.05
CA PHE B 123 -1.60 8.82 -12.86
C PHE B 123 -0.69 8.30 -11.77
N VAL B 124 -1.13 8.44 -10.52
CA VAL B 124 -0.45 7.92 -9.35
C VAL B 124 -1.47 7.18 -8.49
N ARG B 125 -1.08 6.01 -7.97
CA ARG B 125 -2.03 5.26 -7.15
C ARG B 125 -2.39 6.06 -5.90
N ARG B 126 -3.67 5.97 -5.50
CA ARG B 126 -4.16 6.74 -4.35
C ARG B 126 -3.74 6.09 -3.05
N GLY B 127 -3.78 4.76 -3.01
CA GLY B 127 -3.19 4.01 -1.90
C GLY B 127 -3.88 4.14 -0.56
N GLN B 128 -5.20 4.30 -0.53
CA GLN B 128 -5.93 4.53 0.71
C GLN B 128 -7.09 3.56 0.84
N GLY B 129 -6.80 2.30 0.62
CA GLY B 129 -7.81 1.27 0.74
C GLY B 129 -8.29 0.78 -0.62
N THR B 130 -8.94 -0.38 -0.59
CA THR B 130 -9.45 -1.03 -1.77
C THR B 130 -10.97 -1.03 -1.72
N ARG B 131 -11.62 -0.55 -2.78
CA ARG B 131 -13.07 -0.69 -2.89
C ARG B 131 -13.41 -2.09 -3.39
N THR B 132 -14.43 -2.71 -2.79
CA THR B 132 -14.75 -4.10 -3.13
C THR B 132 -16.22 -4.26 -3.44
N THR B 133 -16.53 -5.33 -4.17
CA THR B 133 -17.92 -5.78 -4.30
C THR B 133 -17.92 -7.31 -4.39
N VAL B 134 -18.99 -7.90 -3.85
CA VAL B 134 -19.27 -9.33 -3.99
C VAL B 134 -20.71 -9.43 -4.48
N VAL B 135 -20.89 -9.86 -5.72
CA VAL B 135 -22.21 -9.94 -6.33
C VAL B 135 -22.56 -11.39 -6.58
N THR B 136 -23.74 -11.81 -6.11
CA THR B 136 -24.22 -13.17 -6.34
C THR B 136 -25.50 -13.08 -7.18
N VAL B 137 -25.53 -13.83 -8.29
CA VAL B 137 -26.71 -13.93 -9.15
C VAL B 137 -27.12 -15.39 -9.22
N GLU B 138 -28.40 -15.66 -8.95
CA GLU B 138 -28.92 -17.02 -8.96
C GLU B 138 -30.17 -17.08 -9.81
N GLY B 139 -30.24 -18.07 -10.70
CA GLY B 139 -31.46 -18.29 -11.44
C GLY B 139 -31.60 -17.40 -12.66
N ARG B 140 -32.72 -17.59 -13.36
CA ARG B 140 -32.95 -16.98 -14.66
C ARG B 140 -34.40 -16.56 -14.77
N GLY B 141 -34.66 -15.60 -15.67
CA GLY B 141 -36.02 -15.18 -15.93
C GLY B 141 -36.69 -14.62 -14.70
N ASP B 142 -37.95 -15.01 -14.48
CA ASP B 142 -38.67 -14.48 -13.33
C ASP B 142 -38.12 -15.02 -12.02
N GLU B 143 -37.34 -16.09 -12.06
CA GLU B 143 -36.78 -16.71 -10.87
C GLU B 143 -35.43 -16.11 -10.48
N ARG B 144 -34.88 -15.20 -11.28
CA ARG B 144 -33.58 -14.62 -10.98
C ARG B 144 -33.63 -13.82 -9.68
N ARG B 145 -32.62 -14.01 -8.83
CA ARG B 145 -32.38 -13.18 -7.66
C ARG B 145 -30.94 -12.74 -7.66
N ALA B 146 -30.70 -11.52 -7.22
CA ALA B 146 -29.34 -10.97 -7.16
C ALA B 146 -29.13 -10.30 -5.81
N TRP B 147 -27.88 -10.32 -5.36
CA TRP B 147 -27.48 -9.71 -4.10
C TRP B 147 -26.16 -8.99 -4.32
N VAL B 148 -26.03 -7.79 -3.77
CA VAL B 148 -24.80 -7.00 -3.88
C VAL B 148 -24.28 -6.69 -2.48
N LEU B 149 -23.05 -7.12 -2.20
CA LEU B 149 -22.27 -6.58 -1.10
C LEU B 149 -21.23 -5.61 -1.65
N SER B 150 -21.03 -4.50 -0.95
CA SER B 150 -19.93 -3.62 -1.29
C SER B 150 -19.09 -3.40 -0.05
N GLY B 151 -17.88 -2.86 -0.21
CA GLY B 151 -17.05 -2.75 0.97
C GLY B 151 -15.75 -2.01 0.72
N ILE B 152 -14.95 -1.97 1.78
CA ILE B 152 -13.63 -1.35 1.81
C ILE B 152 -12.71 -2.31 2.55
N SER B 153 -11.50 -2.48 2.03
CA SER B 153 -10.47 -3.27 2.71
C SER B 153 -9.18 -2.47 2.80
N ASP B 154 -8.40 -2.77 3.83
CA ASP B 154 -7.06 -2.21 4.01
C ASP B 154 -7.09 -0.68 4.11
N LEU B 155 -8.09 -0.17 4.83
CA LEU B 155 -8.21 1.26 5.09
C LEU B 155 -7.50 1.51 6.42
N ILE B 156 -6.28 2.04 6.35
CA ILE B 156 -5.41 2.12 7.52
C ILE B 156 -5.61 3.48 8.16
N ILE B 157 -6.07 3.47 9.40
CA ILE B 157 -6.51 4.66 10.11
C ILE B 157 -6.06 4.55 11.56
N ALA B 158 -5.90 5.69 12.23
CA ALA B 158 -5.45 5.66 13.61
C ALA B 158 -5.92 6.92 14.31
N LYS B 159 -6.19 6.82 15.59
CA LYS B 159 -6.33 8.03 16.39
C LYS B 159 -5.32 7.98 17.53
N THR B 160 -4.71 9.14 17.81
CA THR B 160 -3.65 9.23 18.80
C THR B 160 -4.16 9.56 20.20
N THR B 161 -5.43 9.93 20.33
CA THR B 161 -6.12 10.09 21.61
C THR B 161 -7.61 9.93 21.34
N GLY B 162 -8.43 10.19 22.35
CA GLY B 162 -9.84 9.89 22.23
C GLY B 162 -10.13 8.41 22.24
N SER B 163 -9.30 7.62 22.92
CA SER B 163 -9.50 6.18 23.04
C SER B 163 -9.18 5.77 24.46
N GLU B 164 -10.12 5.08 25.11
CA GLU B 164 -9.97 4.55 26.45
C GLU B 164 -10.20 3.04 26.44
N PHE B 165 -9.78 2.38 27.51
CA PHE B 165 -10.18 0.99 27.72
C PHE B 165 -10.04 0.70 29.22
N HIS B 166 -11.16 0.66 29.92
CA HIS B 166 -11.13 0.42 31.36
C HIS B 166 -12.42 -0.30 31.75
N GLY B 167 -12.49 -0.72 33.01
CA GLY B 167 -13.70 -1.35 33.51
C GLY B 167 -13.93 -2.74 32.95
N PHE B 168 -12.89 -3.37 32.41
CA PHE B 168 -13.03 -4.67 31.81
C PHE B 168 -12.98 -5.76 32.89
N LEU B 169 -13.35 -6.97 32.47
CA LEU B 169 -13.28 -8.13 33.36
C LEU B 169 -11.83 -8.47 33.65
N LYS B 170 -11.47 -8.63 34.92
CA LYS B 170 -10.10 -8.94 35.25
C LYS B 170 -10.00 -10.38 35.75
N ASP B 171 -9.00 -11.06 35.24
CA ASP B 171 -8.71 -12.47 35.39
C ASP B 171 -7.46 -12.61 36.22
N GLU B 172 -7.21 -13.82 36.71
CA GLU B 172 -5.92 -14.07 37.32
C GLU B 172 -4.79 -14.03 36.30
N TYR B 173 -5.10 -13.94 35.01
CA TYR B 173 -4.09 -13.85 33.96
C TYR B 173 -4.04 -12.47 33.34
N THR B 174 -4.71 -11.49 33.92
CA THR B 174 -4.76 -10.14 33.35
C THR B 174 -3.62 -9.31 33.93
N THR B 175 -2.76 -8.80 33.04
CA THR B 175 -1.72 -7.85 33.39
C THR B 175 -1.99 -6.46 32.84
N LEU B 176 -2.92 -6.33 31.89
CA LEU B 176 -3.16 -5.05 31.23
C LEU B 176 -3.72 -4.04 32.21
N GLU B 177 -3.11 -2.85 32.23
CA GLU B 177 -3.60 -1.77 33.04
C GLU B 177 -4.73 -1.03 32.33
N GLU B 178 -5.74 -0.64 33.11
CA GLU B 178 -6.78 0.23 32.58
C GLU B 178 -6.17 1.56 32.14
N THR B 179 -6.80 2.18 31.16
CA THR B 179 -6.29 3.45 30.69
C THR B 179 -7.44 4.31 30.20
N HIS B 180 -7.25 5.62 30.30
CA HIS B 180 -8.17 6.58 29.73
C HIS B 180 -7.60 7.27 28.50
N ASP B 181 -6.43 6.84 28.02
CA ASP B 181 -5.82 7.50 26.87
C ASP B 181 -4.85 6.53 26.21
N ARG B 182 -5.11 6.19 24.95
CA ARG B 182 -4.24 5.30 24.20
C ARG B 182 -4.40 5.61 22.71
N ILE B 183 -3.52 5.04 21.92
CA ILE B 183 -3.68 5.06 20.47
C ILE B 183 -4.66 3.96 20.09
N LEU B 184 -5.51 4.23 19.11
CA LEU B 184 -6.37 3.20 18.52
C LEU B 184 -6.08 3.18 17.02
N ALA B 185 -5.41 2.12 16.55
CA ALA B 185 -4.95 2.05 15.17
C ALA B 185 -5.44 0.76 14.55
N THR B 186 -5.96 0.83 13.33
CA THR B 186 -6.50 -0.37 12.71
C THR B 186 -6.31 -0.33 11.20
N SER B 187 -6.64 -1.45 10.56
CA SER B 187 -6.78 -1.53 9.11
C SER B 187 -8.18 -2.09 8.89
N LEU B 188 -9.11 -1.23 8.48
CA LEU B 188 -10.51 -1.62 8.45
C LEU B 188 -10.81 -2.52 7.27
N HIS B 189 -11.50 -3.62 7.54
CA HIS B 189 -12.09 -4.44 6.50
C HIS B 189 -13.59 -4.47 6.78
N THR B 190 -14.41 -4.14 5.77
CA THR B 190 -15.85 -4.11 5.98
C THR B 190 -16.57 -4.44 4.69
N ARG B 191 -17.74 -5.07 4.82
CA ARG B 191 -18.67 -5.27 3.72
C ARG B 191 -20.09 -4.98 4.20
N TRP B 192 -20.91 -4.36 3.34
CA TRP B 192 -22.31 -4.10 3.65
C TRP B 192 -23.20 -4.65 2.53
N ARG B 193 -24.44 -4.99 2.88
CA ARG B 193 -25.36 -5.61 1.93
C ARG B 193 -26.46 -4.62 1.56
N TYR B 194 -26.70 -4.48 0.25
CA TYR B 194 -27.77 -3.62 -0.24
C TYR B 194 -29.10 -4.37 -0.30
N LEU B 195 -30.18 -3.65 0.00
CA LEU B 195 -31.49 -4.28 -0.03
C LEU B 195 -31.98 -4.54 -1.45
N THR B 196 -31.59 -3.68 -2.40
CA THR B 196 -31.94 -3.86 -3.81
C THR B 196 -30.75 -3.45 -4.66
N THR B 197 -30.89 -3.61 -5.97
CA THR B 197 -29.86 -3.15 -6.90
C THR B 197 -30.22 -1.81 -7.54
N ASP B 198 -31.25 -1.13 -7.04
CA ASP B 198 -31.60 0.21 -7.51
C ASP B 198 -30.85 1.25 -6.67
N VAL B 199 -29.52 1.26 -6.86
CA VAL B 199 -28.62 2.04 -6.02
C VAL B 199 -27.66 2.82 -6.89
N ASP B 200 -27.39 4.06 -6.52
CA ASP B 200 -26.31 4.85 -7.11
C ASP B 200 -25.02 4.42 -6.44
N TRP B 201 -24.33 3.46 -7.06
CA TRP B 201 -23.24 2.77 -6.39
C TRP B 201 -22.13 3.73 -5.96
N ASP B 202 -21.71 4.61 -6.87
CA ASP B 202 -20.59 5.51 -6.58
C ASP B 202 -20.96 6.51 -5.50
N LYS B 203 -22.17 7.07 -5.59
CA LYS B 203 -22.63 8.05 -4.60
C LYS B 203 -22.69 7.42 -3.22
N THR B 204 -23.30 6.23 -3.13
CA THR B 204 -23.43 5.58 -1.83
C THR B 204 -22.09 5.12 -1.29
N PHE B 205 -21.23 4.56 -2.15
CA PHE B 205 -19.90 4.18 -1.67
C PHE B 205 -19.17 5.37 -1.05
N ALA B 206 -19.13 6.49 -1.78
CA ALA B 206 -18.42 7.66 -1.25
C ALA B 206 -19.01 8.12 0.08
N SER B 207 -20.34 8.09 0.19
CA SER B 207 -20.97 8.52 1.44
C SER B 207 -20.64 7.57 2.59
N VAL B 208 -20.74 6.26 2.35
CA VAL B 208 -20.43 5.28 3.39
C VAL B 208 -18.98 5.42 3.85
N ARG B 209 -18.04 5.55 2.91
CA ARG B 209 -16.64 5.70 3.27
C ARG B 209 -16.44 6.92 4.18
N SER B 210 -17.09 8.04 3.84
CA SER B 210 -16.96 9.26 4.65
C SER B 210 -17.57 9.08 6.04
N ILE B 211 -18.70 8.36 6.13
CA ILE B 211 -19.32 8.14 7.43
C ILE B 211 -18.41 7.28 8.30
N LEU B 212 -17.87 6.21 7.74
CA LEU B 212 -16.98 5.33 8.51
C LEU B 212 -15.82 6.12 9.09
N LEU B 213 -15.19 6.96 8.26
CA LEU B 213 -14.01 7.68 8.70
C LEU B 213 -14.37 8.77 9.70
N ARG B 214 -15.46 9.48 9.45
CA ARG B 214 -15.89 10.54 10.36
C ARG B 214 -16.22 9.98 11.74
N GLN B 215 -16.96 8.87 11.78
CA GLN B 215 -17.33 8.26 13.06
C GLN B 215 -16.11 7.71 13.79
N PHE B 216 -15.21 7.06 13.06
CA PHE B 216 -13.98 6.59 13.71
C PHE B 216 -13.27 7.74 14.41
N ALA B 217 -13.10 8.87 13.70
CA ALA B 217 -12.31 9.98 14.23
C ALA B 217 -13.03 10.70 15.35
N THR B 218 -14.34 10.93 15.23
CA THR B 218 -15.04 11.83 16.14
C THR B 218 -15.73 11.13 17.30
N VAL B 219 -15.92 9.82 17.24
CA VAL B 219 -16.57 9.10 18.34
C VAL B 219 -15.52 8.84 19.41
N HIS B 220 -15.75 9.34 20.62
CA HIS B 220 -14.85 9.03 21.72
C HIS B 220 -14.95 7.54 22.02
N SER B 221 -13.83 6.83 21.93
CA SER B 221 -13.88 5.38 21.94
C SER B 221 -13.65 4.84 23.35
N LEU B 222 -14.56 4.00 23.82
CA LEU B 222 -14.37 3.25 25.06
C LEU B 222 -13.95 1.82 24.82
N ALA B 223 -13.93 1.40 23.55
CA ALA B 223 -13.49 0.08 23.11
C ALA B 223 -13.54 0.07 21.60
N LEU B 224 -12.72 -0.77 20.94
CA LEU B 224 -12.86 -0.92 19.50
C LEU B 224 -14.26 -1.47 19.14
N GLN B 225 -14.79 -2.36 19.98
CA GLN B 225 -16.18 -2.82 19.82
C GLN B 225 -17.14 -1.65 19.67
N GLN B 226 -17.05 -0.68 20.58
CA GLN B 226 -17.98 0.44 20.58
C GLN B 226 -17.75 1.41 19.42
N THR B 227 -16.48 1.61 19.02
CA THR B 227 -16.17 2.37 17.82
C THR B 227 -16.79 1.72 16.58
N LEU B 228 -16.64 0.41 16.44
CA LEU B 228 -17.19 -0.27 15.28
C LEU B 228 -18.71 -0.19 15.27
N TYR B 229 -19.36 -0.38 16.42
CA TYR B 229 -20.81 -0.27 16.45
C TYR B 229 -21.27 1.13 16.07
N ALA B 230 -20.58 2.17 16.56
CA ALA B 230 -20.94 3.53 16.20
C ALA B 230 -20.74 3.79 14.72
N MET B 231 -19.63 3.30 14.15
CA MET B 231 -19.42 3.42 12.71
C MET B 231 -20.53 2.73 11.94
N GLY B 232 -20.82 1.47 12.27
CA GLY B 232 -21.79 0.71 11.49
C GLY B 232 -23.19 1.26 11.61
N SER B 233 -23.61 1.63 12.84
CA SER B 233 -24.97 2.11 13.00
C SER B 233 -25.17 3.45 12.30
N ALA B 234 -24.15 4.32 12.30
CA ALA B 234 -24.23 5.57 11.56
C ALA B 234 -24.47 5.32 10.08
N VAL B 235 -23.80 4.31 9.52
CA VAL B 235 -24.00 3.95 8.11
C VAL B 235 -25.46 3.54 7.87
N LEU B 236 -25.99 2.65 8.71
CA LEU B 236 -27.36 2.18 8.52
C LEU B 236 -28.37 3.33 8.67
N GLU B 237 -28.16 4.21 9.64
CA GLU B 237 -29.07 5.35 9.83
C GLU B 237 -29.10 6.25 8.60
N ALA B 238 -27.94 6.50 8.00
CA ALA B 238 -27.89 7.41 6.85
C ALA B 238 -28.31 6.74 5.55
N HIS B 239 -28.32 5.40 5.50
CA HIS B 239 -28.55 4.64 4.28
C HIS B 239 -29.56 3.54 4.51
N PRO B 240 -30.85 3.86 4.44
CA PRO B 240 -31.88 2.82 4.62
C PRO B 240 -31.87 1.76 3.53
N GLU B 241 -31.16 1.99 2.42
CA GLU B 241 -31.01 0.97 1.38
C GLU B 241 -29.99 -0.09 1.74
N ILE B 242 -29.29 0.07 2.87
CA ILE B 242 -28.29 -0.90 3.33
C ILE B 242 -28.91 -1.74 4.45
N ALA B 243 -28.89 -3.06 4.28
CA ALA B 243 -29.53 -3.96 5.23
C ALA B 243 -28.66 -4.27 6.44
N GLU B 244 -27.34 -4.37 6.24
CA GLU B 244 -26.45 -4.78 7.32
C GLU B 244 -25.04 -4.40 6.90
N ILE B 245 -24.16 -4.27 7.88
CA ILE B 245 -22.75 -4.00 7.63
C ILE B 245 -21.93 -4.82 8.62
N ARG B 246 -20.93 -5.53 8.11
CA ARG B 246 -19.99 -6.29 8.93
C ARG B 246 -18.64 -5.57 8.91
N LEU B 247 -18.02 -5.48 10.09
CA LEU B 247 -16.75 -4.79 10.25
C LEU B 247 -15.78 -5.71 10.98
N SER B 248 -14.56 -5.81 10.45
CA SER B 248 -13.51 -6.62 11.07
C SER B 248 -12.30 -5.71 11.20
N ALA B 249 -11.86 -5.47 12.43
CA ALA B 249 -10.82 -4.47 12.68
C ALA B 249 -9.75 -5.04 13.59
N PRO B 250 -8.50 -5.13 13.14
CA PRO B 250 -7.43 -5.43 14.08
C PRO B 250 -7.14 -4.25 14.98
N ASN B 251 -6.75 -4.53 16.22
CA ASN B 251 -6.27 -3.50 17.12
C ASN B 251 -4.75 -3.61 17.05
N LYS B 252 -4.15 -2.77 16.21
CA LYS B 252 -2.71 -2.80 15.95
C LYS B 252 -2.02 -2.04 17.07
N HIS B 253 -1.44 -2.77 18.02
CA HIS B 253 -1.03 -2.15 19.27
C HIS B 253 0.19 -1.25 19.07
N HIS B 254 0.06 -0.01 19.52
CA HIS B 254 1.17 0.92 19.62
C HIS B 254 1.47 1.04 21.11
N PHE B 255 2.57 0.42 21.55
CA PHE B 255 2.88 0.33 22.97
C PHE B 255 3.68 1.53 23.42
N LEU B 256 3.21 2.18 24.49
CA LEU B 256 3.98 3.26 25.10
C LEU B 256 5.28 2.72 25.66
N VAL B 257 6.40 3.16 25.11
CA VAL B 257 7.69 2.61 25.51
C VAL B 257 8.09 3.14 26.87
N ASP B 258 8.55 2.25 27.75
CA ASP B 258 9.09 2.67 29.04
C ASP B 258 10.45 3.33 28.85
N LEU B 259 10.52 4.64 29.05
CA LEU B 259 11.77 5.37 28.92
C LEU B 259 12.40 5.68 30.26
N GLN B 260 11.76 5.31 31.36
CA GLN B 260 12.38 5.49 32.67
C GLN B 260 13.78 4.88 32.78
N PRO B 261 14.07 3.71 32.19
CA PRO B 261 15.45 3.19 32.26
C PRO B 261 16.48 4.10 31.63
N PHE B 262 16.06 5.04 30.79
CA PHE B 262 16.96 5.93 30.07
C PHE B 262 16.93 7.34 30.64
N GLY B 263 16.30 7.53 31.80
CA GLY B 263 16.25 8.83 32.42
C GLY B 263 15.25 9.79 31.81
N LEU B 264 14.26 9.27 31.08
CA LEU B 264 13.32 10.11 30.38
C LEU B 264 11.89 9.76 30.76
N ASP B 265 11.01 10.73 30.59
CA ASP B 265 9.57 10.53 30.70
C ASP B 265 9.00 10.26 29.32
N ASN B 266 7.77 9.76 29.30
CA ASN B 266 7.06 9.48 28.05
C ASN B 266 5.57 9.75 28.23
N PRO B 267 5.17 11.02 28.15
CA PRO B 267 3.75 11.40 28.31
C PRO B 267 2.93 11.18 27.04
N GLY B 268 2.80 9.92 26.64
CA GLY B 268 2.03 9.61 25.45
C GLY B 268 2.69 9.99 24.13
N GLU B 269 4.01 9.89 24.04
CA GLU B 269 4.71 10.44 22.87
C GLU B 269 5.45 9.42 22.02
N VAL B 270 6.09 8.43 22.63
CA VAL B 270 6.96 7.51 21.90
C VAL B 270 6.39 6.10 22.03
N PHE B 271 6.12 5.47 20.88
CA PHE B 271 5.42 4.19 20.85
C PHE B 271 6.17 3.20 19.97
N TYR B 272 6.01 1.93 20.31
CA TYR B 272 6.49 0.80 19.51
C TYR B 272 5.29 0.23 18.78
N ALA B 273 5.35 0.24 17.45
CA ALA B 273 4.23 -0.24 16.64
C ALA B 273 4.43 -1.73 16.37
N SER B 274 3.74 -2.55 17.14
CA SER B 274 3.94 -3.99 17.15
C SER B 274 3.17 -4.65 16.01
N ASP B 275 3.77 -5.68 15.40
CA ASP B 275 3.12 -6.32 14.27
C ASP B 275 2.11 -7.37 14.73
N ARG B 276 2.55 -8.31 15.56
CA ARG B 276 1.75 -9.42 16.02
C ARG B 276 2.13 -9.69 17.46
N PRO B 277 1.19 -10.16 18.30
CA PRO B 277 -0.22 -10.36 17.97
C PRO B 277 -0.98 -9.05 17.91
N TYR B 278 -2.25 -9.13 17.53
CA TYR B 278 -3.10 -7.96 17.48
C TYR B 278 -4.48 -8.39 17.92
N GLY B 279 -5.17 -7.55 18.68
CA GLY B 279 -6.58 -7.78 18.89
C GLY B 279 -7.30 -7.85 17.56
N LEU B 280 -8.34 -8.69 17.48
CA LEU B 280 -9.14 -8.74 16.27
C LEU B 280 -10.60 -8.65 16.70
N ILE B 281 -11.23 -7.52 16.40
CA ILE B 281 -12.57 -7.18 16.90
C ILE B 281 -13.49 -7.19 15.70
N GLU B 282 -14.53 -8.03 15.74
CA GLU B 282 -15.40 -8.23 14.58
C GLU B 282 -16.86 -8.11 14.98
N ALA B 283 -17.63 -7.31 14.23
CA ALA B 283 -19.00 -7.03 14.63
C ALA B 283 -19.88 -6.78 13.42
N SER B 284 -21.15 -7.16 13.56
CA SER B 284 -22.17 -6.94 12.55
C SER B 284 -23.20 -5.98 13.11
N VAL B 285 -23.61 -4.99 12.31
CA VAL B 285 -24.71 -4.09 12.64
C VAL B 285 -25.81 -4.33 11.61
N VAL B 286 -27.03 -4.60 12.07
CA VAL B 286 -28.06 -5.13 11.19
C VAL B 286 -29.37 -4.39 11.42
N ARG B 287 -30.15 -4.31 10.34
CA ARG B 287 -31.55 -3.89 10.41
C ARG B 287 -32.38 -5.09 10.86
N ASP B 288 -32.92 -5.00 12.07
CA ASP B 288 -33.72 -6.07 12.66
C ASP B 288 -35.04 -6.30 11.93
N ASP B 289 -35.49 -5.33 11.15
CA ASP B 289 -36.82 -5.34 10.56
C ASP B 289 -36.83 -5.88 9.13
N VAL B 290 -35.69 -6.29 8.59
CA VAL B 290 -35.63 -6.78 7.21
C VAL B 290 -35.15 -8.23 7.24
N PRO B 291 -35.50 -9.04 6.24
CA PRO B 291 -35.04 -10.43 6.24
C PRO B 291 -33.54 -10.52 6.01
N GLU B 292 -32.95 -11.56 6.60
CA GLU B 292 -31.57 -11.89 6.29
C GLU B 292 -31.46 -12.41 4.85
N ALA B 293 -30.24 -12.38 4.32
CA ALA B 293 -29.94 -12.90 2.99
C ALA B 293 -28.65 -13.70 3.05
N PRO B 294 -28.69 -14.90 3.64
CA PRO B 294 -27.46 -15.70 3.72
C PRO B 294 -26.87 -16.03 2.37
N GLU B 295 -27.71 -16.09 1.33
CA GLU B 295 -27.21 -16.33 -0.02
C GLU B 295 -26.13 -15.33 -0.42
N ALA B 296 -26.22 -14.09 0.06
CA ALA B 296 -25.28 -13.06 -0.35
C ALA B 296 -23.89 -13.32 0.20
N TRP B 297 -23.81 -13.99 1.34
CA TRP B 297 -22.58 -14.15 2.10
C TRP B 297 -21.94 -15.51 1.92
N LEU B 298 -22.56 -16.40 1.16
CA LEU B 298 -22.06 -17.76 1.07
C LEU B 298 -20.68 -17.77 0.43
N ALA B 299 -19.72 -18.37 1.13
CA ALA B 299 -18.31 -18.47 0.74
C ALA B 299 -17.61 -17.12 0.73
N THR B 300 -18.13 -16.15 1.50
CA THR B 300 -17.39 -14.93 1.83
C THR B 300 -16.92 -15.02 3.26
N PRO B 301 -15.64 -14.78 3.57
CA PRO B 301 -14.56 -14.35 2.66
C PRO B 301 -14.00 -15.45 1.78
N GLY B 302 -14.30 -16.71 2.12
CA GLY B 302 -13.80 -17.81 1.33
C GLY B 302 -14.59 -19.08 1.58
N PHE B 303 -14.21 -20.12 0.83
CA PHE B 303 -14.95 -21.38 0.77
C PHE B 303 -14.69 -22.26 1.99
N CYS B 304 -13.45 -22.28 2.47
CA CYS B 304 -13.07 -23.09 3.62
C CYS B 304 -11.73 -22.64 4.19
S SO4 C . 3.40 -1.32 9.06
O1 SO4 C . 4.84 -1.52 9.20
O2 SO4 C . 2.77 -2.55 8.60
O3 SO4 C . 2.81 -0.91 10.34
O4 SO4 C . 3.14 -0.26 8.08
S DMS D . 11.00 -4.13 -23.12
O DMS D . 10.51 -5.28 -23.97
C1 DMS D . 12.65 -3.49 -23.54
C2 DMS D . 10.03 -2.64 -23.48
S SO4 E . -1.08 -5.05 -8.36
O1 SO4 E . 0.26 -5.50 -8.04
O2 SO4 E . -2.02 -6.17 -8.34
O3 SO4 E . -1.50 -4.05 -7.37
O4 SO4 E . -1.09 -4.40 -9.67
S DMS F . -7.32 -5.56 24.19
O DMS F . -6.31 -5.90 25.24
C1 DMS F . -9.04 -5.98 24.61
C2 DMS F . -7.54 -3.76 24.12
#